data_5J89
#
_entry.id   5J89
#
_cell.length_a   40.834
_cell.length_b   85.093
_cell.length_c   161.772
_cell.angle_alpha   90.00
_cell.angle_beta   90.00
_cell.angle_gamma   90.00
#
_symmetry.space_group_name_H-M   'P 21 21 21'
#
loop_
_entity.id
_entity.type
_entity.pdbx_description
1 polymer 'Programmed cell death 1 ligand 1'
2 non-polymer "N-{2-[({2-methoxy-6-[(2-methyl[1,1'-biphenyl]-3-yl)methoxy]pyridin-3-yl}methyl)amino]ethyl}acetamide"
3 non-polymer 1,2-ETHANEDIOL
4 water water
#
_entity_poly.entity_id   1
_entity_poly.type   'polypeptide(L)'
_entity_poly.pdbx_seq_one_letter_code
;RIFAVFIFMTYWHLLNAFTVTVPKDLYVVEYGSNMTIECKFPVEKQLDLAALIVYWEMEDKNIIQFVHGEEDLKVQHSSY
RQRARLLKDQLSLGNAALQITDVKLQDAGVYRCMISYGGADYKRITVKVNAPYAAALEHHHHHH
;
_entity_poly.pdbx_strand_id   C,A,D,B
#
loop_
_chem_comp.id
_chem_comp.type
_chem_comp.name
_chem_comp.formula
6GX non-polymer N-{2-[({2-methoxy-6-[(2-methyl[1,1'-biphenyl]-3-yl)methoxy]pyridin-3-yl}methyl)amino]ethyl}acetamide 'C25 H29 N3 O3'
EDO non-polymer 1,2-ETHANEDIOL 'C2 H6 O2'
#
# COMPACT_ATOMS: atom_id res chain seq x y z
N ALA A 17 -15.15 17.25 27.65
CA ALA A 17 -14.63 16.91 26.33
C ALA A 17 -14.67 15.39 26.14
N PHE A 18 -15.46 14.93 25.18
CA PHE A 18 -15.77 13.51 25.04
C PHE A 18 -14.61 12.78 24.37
N THR A 19 -13.96 11.87 25.09
CA THR A 19 -12.75 11.19 24.62
C THR A 19 -12.94 9.67 24.64
N VAL A 20 -12.76 9.03 23.48
CA VAL A 20 -12.72 7.56 23.42
C VAL A 20 -11.30 7.11 23.68
N THR A 21 -11.15 6.06 24.49
CA THR A 21 -9.83 5.58 24.88
C THR A 21 -9.75 4.10 24.59
N VAL A 22 -8.51 3.64 24.41
CA VAL A 22 -8.23 2.27 24.02
C VAL A 22 -7.15 1.77 24.99
N PRO A 23 -7.44 0.77 25.83
CA PRO A 23 -6.37 0.24 26.69
C PRO A 23 -5.25 -0.45 25.91
N LYS A 24 -5.54 -1.01 24.73
CA LYS A 24 -4.54 -1.68 23.87
C LYS A 24 -4.66 -1.17 22.44
N ASP A 25 -3.61 -0.47 21.96
CA ASP A 25 -3.49 -0.11 20.55
C ASP A 25 -3.33 -1.33 19.65
N LEU A 26 -2.82 -2.43 20.19
CA LEU A 26 -2.33 -3.49 19.33
C LEU A 26 -2.73 -4.82 19.92
N TYR A 27 -3.32 -5.68 19.10
CA TYR A 27 -3.60 -7.06 19.47
C TYR A 27 -2.83 -8.01 18.56
N VAL A 28 -2.23 -9.04 19.15
CA VAL A 28 -1.61 -10.12 18.42
C VAL A 28 -2.47 -11.36 18.63
N VAL A 29 -2.90 -11.97 17.53
CA VAL A 29 -3.97 -12.96 17.56
C VAL A 29 -3.54 -14.18 16.79
N GLU A 30 -3.79 -15.36 17.35
N GLU A 30 -3.75 -15.35 17.36
CA GLU A 30 -3.48 -16.62 16.70
CA GLU A 30 -3.47 -16.60 16.68
C GLU A 30 -4.64 -17.00 15.78
C GLU A 30 -4.63 -16.96 15.77
N TYR A 31 -4.29 -17.41 14.56
CA TYR A 31 -5.28 -17.88 13.60
C TYR A 31 -6.20 -18.89 14.23
N GLY A 32 -7.50 -18.71 14.01
CA GLY A 32 -8.49 -19.63 14.52
C GLY A 32 -9.01 -19.30 15.90
N SER A 33 -8.30 -18.47 16.66
CA SER A 33 -8.79 -17.97 17.94
C SER A 33 -9.96 -17.00 17.73
N ASN A 34 -10.50 -16.53 18.84
CA ASN A 34 -11.42 -15.41 18.85
C ASN A 34 -10.80 -14.28 19.67
N MET A 35 -11.17 -13.05 19.34
CA MET A 35 -10.61 -11.89 20.02
C MET A 35 -11.71 -10.92 20.41
N THR A 36 -11.42 -10.11 21.42
CA THR A 36 -12.29 -9.02 21.82
C THR A 36 -11.42 -7.77 21.96
N ILE A 37 -11.63 -6.82 21.06
CA ILE A 37 -10.89 -5.56 21.08
C ILE A 37 -11.83 -4.50 21.63
N GLU A 38 -11.30 -3.55 22.37
CA GLU A 38 -12.13 -2.76 23.26
C GLU A 38 -11.91 -1.28 23.06
N CYS A 39 -12.99 -0.51 23.10
CA CYS A 39 -12.96 0.94 23.12
C CYS A 39 -13.78 1.46 24.28
N LYS A 40 -13.16 2.31 25.09
CA LYS A 40 -13.81 2.88 26.27
C LYS A 40 -14.35 4.26 25.95
N PHE A 41 -15.53 4.56 26.49
CA PHE A 41 -16.11 5.87 26.32
C PHE A 41 -16.78 6.26 27.63
N PRO A 42 -16.89 7.55 27.93
CA PRO A 42 -17.42 7.96 29.25
C PRO A 42 -18.91 7.73 29.34
N VAL A 43 -19.34 7.10 30.43
CA VAL A 43 -20.74 6.97 30.77
C VAL A 43 -20.93 7.45 32.20
N GLU A 44 -21.58 8.59 32.38
CA GLU A 44 -21.92 9.09 33.72
C GLU A 44 -23.34 8.63 34.07
N LYS A 45 -23.47 7.97 35.21
CA LYS A 45 -24.72 7.37 35.68
C LYS A 45 -25.08 6.16 34.83
N GLN A 46 -26.28 6.13 34.23
CA GLN A 46 -26.74 4.97 33.48
C GLN A 46 -26.75 5.28 32.00
N LEU A 47 -26.18 4.37 31.20
CA LEU A 47 -26.22 4.50 29.74
C LEU A 47 -27.63 4.77 29.23
N ASP A 48 -27.73 5.75 28.35
CA ASP A 48 -28.92 6.05 27.58
C ASP A 48 -28.71 5.47 26.19
N LEU A 49 -29.22 4.26 25.97
CA LEU A 49 -29.03 3.56 24.70
C LEU A 49 -29.56 4.38 23.53
N ALA A 50 -30.63 5.15 23.73
CA ALA A 50 -31.22 5.91 22.65
C ALA A 50 -30.29 6.98 22.11
N ALA A 51 -29.28 7.39 22.89
CA ALA A 51 -28.32 8.40 22.46
C ALA A 51 -27.00 7.82 21.99
N LEU A 52 -26.84 6.50 22.00
CA LEU A 52 -25.56 5.89 21.66
C LEU A 52 -25.56 5.43 20.21
N ILE A 53 -24.47 5.74 19.50
CA ILE A 53 -24.17 5.16 18.21
C ILE A 53 -22.74 4.61 18.24
N VAL A 54 -22.57 3.36 17.81
CA VAL A 54 -21.24 2.73 17.68
C VAL A 54 -21.12 2.12 16.30
N TYR A 55 -20.14 2.58 15.52
CA TYR A 55 -19.67 1.93 14.31
C TYR A 55 -18.35 1.23 14.63
N TRP A 56 -18.20 0.00 14.17
CA TRP A 56 -16.89 -0.65 14.10
C TRP A 56 -16.61 -0.97 12.64
N GLU A 57 -15.40 -0.69 12.19
CA GLU A 57 -15.03 -1.13 10.85
C GLU A 57 -13.56 -1.48 10.79
N MET A 58 -13.18 -2.14 9.71
CA MET A 58 -11.77 -2.35 9.40
C MET A 58 -11.58 -2.01 7.93
N GLU A 59 -10.69 -1.06 7.65
CA GLU A 59 -10.33 -0.66 6.28
C GLU A 59 -11.56 -0.26 5.45
N ASP A 60 -12.42 0.56 6.03
CA ASP A 60 -13.60 1.09 5.37
C ASP A 60 -14.49 -0.03 4.82
N LYS A 61 -14.42 -1.20 5.45
CA LYS A 61 -15.42 -2.25 5.35
C LYS A 61 -16.10 -2.39 6.72
N ASN A 62 -17.42 -2.44 6.74
CA ASN A 62 -18.17 -2.20 7.96
C ASN A 62 -18.44 -3.50 8.72
N ILE A 63 -18.37 -3.43 10.05
CA ILE A 63 -18.49 -4.64 10.86
C ILE A 63 -19.71 -4.58 11.77
N ILE A 64 -19.80 -3.54 12.58
CA ILE A 64 -20.92 -3.34 13.49
C ILE A 64 -21.49 -1.96 13.19
N GLN A 65 -22.81 -1.84 13.24
CA GLN A 65 -23.43 -0.52 13.34
C GLN A 65 -24.54 -0.63 14.37
N PHE A 66 -24.40 0.15 15.41
CA PHE A 66 -25.27 0.08 16.56
C PHE A 66 -25.88 1.46 16.70
N VAL A 67 -27.15 1.59 16.34
CA VAL A 67 -27.85 2.86 16.33
C VAL A 67 -29.00 2.72 17.31
N HIS A 68 -28.98 3.55 18.36
CA HIS A 68 -30.06 3.65 19.32
C HIS A 68 -30.66 2.30 19.62
N GLY A 69 -29.82 1.38 20.09
CA GLY A 69 -30.28 0.15 20.70
C GLY A 69 -30.08 -1.10 19.88
N GLU A 70 -29.94 -0.99 18.55
CA GLU A 70 -29.92 -2.20 17.74
C GLU A 70 -28.81 -2.16 16.72
N GLU A 71 -28.27 -3.33 16.42
CA GLU A 71 -27.38 -3.52 15.28
C GLU A 71 -28.21 -3.79 14.03
N ASP A 72 -27.61 -3.54 12.86
CA ASP A 72 -28.32 -3.29 11.59
C ASP A 72 -27.90 -4.21 10.45
N LEU A 73 -26.59 -4.40 10.26
CA LEU A 73 -25.95 -5.21 9.22
C LEU A 73 -26.02 -4.61 7.81
N LYS A 74 -26.54 -3.38 7.67
CA LYS A 74 -26.95 -2.80 6.37
C LYS A 74 -25.80 -2.50 5.42
N VAL A 75 -24.59 -2.26 5.92
CA VAL A 75 -23.45 -1.93 5.07
C VAL A 75 -22.30 -2.84 5.46
N GLN A 76 -22.64 -3.93 6.17
CA GLN A 76 -21.67 -4.89 6.64
C GLN A 76 -21.00 -5.63 5.48
N HIS A 77 -19.76 -6.02 5.69
CA HIS A 77 -19.05 -6.84 4.74
C HIS A 77 -19.34 -8.32 4.98
N SER A 78 -19.36 -9.10 3.89
CA SER A 78 -19.65 -10.54 3.99
C SER A 78 -18.58 -11.29 4.74
N SER A 79 -17.31 -10.86 4.62
CA SER A 79 -16.21 -11.54 5.30
C SER A 79 -16.44 -11.63 6.80
N TYR A 80 -17.17 -10.67 7.35
CA TYR A 80 -17.49 -10.63 8.76
C TYR A 80 -18.90 -11.15 9.06
N ARG A 81 -19.67 -11.49 8.04
CA ARG A 81 -21.03 -11.99 8.25
C ARG A 81 -21.01 -13.26 9.10
N GLN A 82 -21.84 -13.25 10.15
CA GLN A 82 -22.00 -14.37 11.09
C GLN A 82 -20.75 -14.64 11.94
N ARG A 83 -19.85 -13.66 12.07
CA ARG A 83 -18.63 -13.85 12.84
C ARG A 83 -18.35 -12.75 13.87
N ALA A 84 -19.05 -11.62 13.81
CA ALA A 84 -18.75 -10.47 14.66
C ALA A 84 -19.96 -10.06 15.49
N ARG A 85 -19.74 -9.77 16.77
CA ARG A 85 -20.80 -9.21 17.59
C ARG A 85 -20.23 -8.23 18.61
N LEU A 86 -21.07 -7.26 18.95
CA LEU A 86 -20.77 -6.26 19.96
C LEU A 86 -21.42 -6.72 21.26
N LEU A 87 -20.64 -6.72 22.35
CA LEU A 87 -21.13 -7.22 23.63
C LEU A 87 -21.99 -6.13 24.25
N LYS A 88 -23.32 -6.29 24.12
CA LYS A 88 -24.24 -5.25 24.61
C LYS A 88 -24.04 -4.99 26.10
N ASP A 89 -23.88 -6.05 26.92
CA ASP A 89 -23.63 -5.89 28.35
C ASP A 89 -22.52 -4.86 28.62
N GLN A 90 -21.43 -4.94 27.85
CA GLN A 90 -20.27 -4.09 28.09
C GLN A 90 -20.56 -2.63 27.82
N LEU A 91 -21.54 -2.34 26.96
CA LEU A 91 -21.85 -0.94 26.67
C LEU A 91 -22.25 -0.19 27.93
N SER A 92 -23.04 -0.81 28.82
CA SER A 92 -23.47 -0.05 29.98
C SER A 92 -22.34 0.21 30.96
N LEU A 93 -21.21 -0.48 30.77
CA LEU A 93 -19.98 -0.19 31.49
C LEU A 93 -19.12 0.85 30.78
N GLY A 94 -19.63 1.43 29.70
CA GLY A 94 -18.79 2.29 28.88
C GLY A 94 -17.71 1.56 28.10
N ASN A 95 -17.94 0.30 27.72
CA ASN A 95 -16.94 -0.50 26.98
C ASN A 95 -17.58 -0.97 25.68
N ALA A 96 -17.13 -0.41 24.55
CA ALA A 96 -17.54 -0.88 23.22
C ALA A 96 -16.62 -2.03 22.88
N ALA A 97 -17.07 -3.25 23.10
CA ALA A 97 -16.27 -4.45 22.97
C ALA A 97 -16.68 -5.22 21.72
N LEU A 98 -15.75 -5.36 20.77
CA LEU A 98 -15.96 -6.10 19.52
C LEU A 98 -15.34 -7.48 19.61
N GLN A 99 -16.17 -8.52 19.55
CA GLN A 99 -15.71 -9.90 19.53
C GLN A 99 -15.77 -10.45 18.12
N ILE A 100 -14.64 -10.92 17.61
CA ILE A 100 -14.54 -11.59 16.32
C ILE A 100 -14.28 -13.06 16.59
N THR A 101 -15.08 -13.93 15.98
CA THR A 101 -14.94 -15.38 16.14
C THR A 101 -14.12 -15.98 15.01
N ASP A 102 -13.30 -16.98 15.37
CA ASP A 102 -12.56 -17.81 14.41
C ASP A 102 -11.70 -16.95 13.49
N VAL A 103 -10.68 -16.34 14.12
CA VAL A 103 -9.91 -15.29 13.47
C VAL A 103 -9.24 -15.84 12.22
N LYS A 104 -9.32 -15.05 11.14
CA LYS A 104 -8.73 -15.40 9.86
C LYS A 104 -7.65 -14.38 9.55
N LEU A 105 -6.69 -14.77 8.71
CA LEU A 105 -5.61 -13.86 8.37
C LEU A 105 -6.13 -12.62 7.70
N GLN A 106 -7.25 -12.73 6.98
CA GLN A 106 -7.91 -11.56 6.43
C GLN A 106 -8.31 -10.56 7.50
N ASP A 107 -8.45 -10.98 8.77
CA ASP A 107 -8.86 -10.09 9.84
C ASP A 107 -7.76 -9.13 10.30
N ALA A 108 -6.50 -9.36 9.90
CA ALA A 108 -5.42 -8.48 10.31
C ALA A 108 -5.58 -7.11 9.66
N GLY A 109 -5.21 -6.07 10.38
CA GLY A 109 -5.30 -4.73 9.83
C GLY A 109 -5.71 -3.74 10.91
N VAL A 110 -6.23 -2.59 10.48
CA VAL A 110 -6.53 -1.45 11.33
C VAL A 110 -8.04 -1.38 11.50
N TYR A 111 -8.50 -1.48 12.74
CA TYR A 111 -9.90 -1.33 13.10
C TYR A 111 -10.16 0.08 13.64
N ARG A 112 -11.39 0.56 13.46
CA ARG A 112 -11.82 1.82 14.05
C ARG A 112 -13.10 1.60 14.83
N CYS A 113 -13.15 2.15 16.04
CA CYS A 113 -14.39 2.25 16.78
C CYS A 113 -14.80 3.72 16.76
N MET A 114 -15.95 4.00 16.19
CA MET A 114 -16.46 5.34 16.12
C MET A 114 -17.64 5.40 17.08
N ILE A 115 -17.60 6.30 18.05
CA ILE A 115 -18.61 6.34 19.10
C ILE A 115 -19.20 7.75 19.15
N SER A 116 -20.52 7.82 19.08
CA SER A 116 -21.24 9.06 19.30
C SER A 116 -22.10 8.85 20.53
N TYR A 117 -21.88 9.69 21.54
CA TYR A 117 -22.66 9.62 22.76
C TYR A 117 -22.61 10.97 23.44
N GLY A 118 -23.41 11.91 22.94
CA GLY A 118 -23.40 13.27 23.46
C GLY A 118 -22.00 13.85 23.35
N GLY A 119 -21.49 13.89 22.12
CA GLY A 119 -20.07 14.07 21.88
C GLY A 119 -19.67 12.92 20.96
N ALA A 120 -18.53 13.00 20.27
CA ALA A 120 -18.14 11.94 19.36
C ALA A 120 -16.62 11.87 19.24
N ASP A 121 -16.12 10.67 18.93
CA ASP A 121 -14.68 10.43 18.84
C ASP A 121 -14.50 9.07 18.20
N TYR A 122 -13.27 8.77 17.84
CA TYR A 122 -12.97 7.44 17.31
C TYR A 122 -11.49 7.14 17.56
N LYS A 123 -11.16 5.85 17.60
CA LYS A 123 -9.81 5.41 17.85
C LYS A 123 -9.48 4.25 16.91
N ARG A 124 -8.19 4.07 16.63
CA ARG A 124 -7.73 2.95 15.81
C ARG A 124 -7.15 1.85 16.69
N ILE A 125 -7.36 0.61 16.27
CA ILE A 125 -6.73 -0.55 16.88
C ILE A 125 -6.08 -1.38 15.78
N THR A 126 -4.82 -1.74 15.96
CA THR A 126 -4.12 -2.61 15.03
C THR A 126 -4.17 -4.06 15.49
N VAL A 127 -4.59 -4.94 14.59
CA VAL A 127 -4.65 -6.37 14.86
C VAL A 127 -3.63 -7.08 13.96
N LYS A 128 -2.79 -7.89 14.58
CA LYS A 128 -1.87 -8.73 13.89
C LYS A 128 -2.30 -10.20 14.06
N VAL A 129 -2.33 -10.94 12.97
CA VAL A 129 -2.76 -12.34 12.99
C VAL A 129 -1.56 -13.23 12.65
N ASN A 130 -1.13 -14.06 13.61
CA ASN A 130 -0.18 -15.15 13.40
C ASN A 130 -0.90 -16.38 12.87
N ALA A 131 -0.23 -17.11 11.98
CA ALA A 131 -0.80 -18.36 11.49
C ALA A 131 0.31 -19.30 11.02
N PRO A 132 0.11 -20.61 11.13
CA PRO A 132 1.10 -21.59 10.61
C PRO A 132 0.99 -21.73 9.09
N TYR A 133 1.91 -22.53 8.54
CA TYR A 133 2.09 -22.56 7.09
C TYR A 133 0.82 -22.99 6.37
N ALA A 134 0.12 -24.00 6.91
CA ALA A 134 -1.08 -24.51 6.25
C ALA A 134 -2.11 -23.40 6.08
N ALA A 135 -2.40 -22.69 7.16
CA ALA A 135 -3.33 -21.57 7.04
C ALA A 135 -2.78 -20.51 6.09
N ALA A 136 -1.50 -20.22 6.18
CA ALA A 136 -0.91 -19.15 5.38
C ALA A 136 -0.91 -19.50 3.91
N LEU A 137 -0.70 -20.77 3.57
CA LEU A 137 -0.70 -21.18 2.17
C LEU A 137 -2.07 -20.99 1.55
N GLU A 138 -3.11 -21.43 2.28
CA GLU A 138 -4.47 -21.23 1.80
C GLU A 138 -4.75 -19.74 1.56
N HIS A 139 -4.41 -18.91 2.53
CA HIS A 139 -4.59 -17.47 2.36
C HIS A 139 -3.77 -16.96 1.19
N HIS A 140 -2.56 -17.49 1.00
CA HIS A 140 -1.69 -16.99 -0.07
C HIS A 140 -2.29 -17.23 -1.45
N HIS A 141 -2.95 -18.38 -1.65
CA HIS A 141 -3.46 -18.77 -2.96
C HIS A 141 -4.91 -18.37 -3.16
N ALA B 17 16.10 -20.29 -22.75
CA ALA B 17 15.44 -21.35 -22.01
C ALA B 17 15.92 -21.37 -20.56
N PHE B 18 16.76 -20.39 -20.22
CA PHE B 18 17.25 -20.24 -18.85
C PHE B 18 16.11 -19.91 -17.88
N THR B 19 15.88 -20.79 -16.91
CA THR B 19 14.77 -20.64 -15.99
C THR B 19 15.26 -20.65 -14.54
N VAL B 20 14.87 -19.63 -13.77
CA VAL B 20 15.07 -19.66 -12.33
C VAL B 20 13.81 -20.21 -11.68
N THR B 21 13.97 -21.15 -10.74
CA THR B 21 12.84 -21.78 -10.08
C THR B 21 12.99 -21.67 -8.57
N VAL B 22 11.88 -21.68 -7.88
CA VAL B 22 11.84 -21.70 -6.42
C VAL B 22 11.07 -22.94 -5.98
N PRO B 23 11.63 -23.80 -5.12
CA PRO B 23 10.82 -24.89 -4.55
C PRO B 23 9.68 -24.40 -3.67
N LYS B 24 9.89 -23.30 -2.93
CA LYS B 24 8.85 -22.63 -2.17
C LYS B 24 8.76 -21.19 -2.64
N ASP B 25 7.57 -20.74 -2.99
CA ASP B 25 7.36 -19.31 -3.17
C ASP B 25 6.74 -18.67 -1.93
N LEU B 26 6.59 -19.41 -0.83
CA LEU B 26 6.02 -18.88 0.41
C LEU B 26 6.77 -19.46 1.61
N TYR B 27 7.29 -18.57 2.45
CA TYR B 27 7.94 -18.94 3.71
C TYR B 27 7.20 -18.28 4.86
N VAL B 28 6.92 -19.06 5.90
CA VAL B 28 6.32 -18.57 7.14
C VAL B 28 7.34 -18.85 8.24
N VAL B 29 7.90 -17.79 8.82
CA VAL B 29 8.98 -17.95 9.76
C VAL B 29 8.62 -17.23 11.05
N GLU B 30 9.19 -17.71 12.16
CA GLU B 30 8.93 -17.12 13.47
C GLU B 30 9.95 -16.03 13.72
N TYR B 31 9.49 -14.93 14.31
CA TYR B 31 10.41 -13.90 14.80
C TYR B 31 11.56 -14.55 15.55
N GLY B 32 12.78 -14.08 15.26
CA GLY B 32 13.96 -14.54 15.94
C GLY B 32 14.60 -15.80 15.37
N SER B 33 13.95 -16.50 14.45
CA SER B 33 14.56 -17.71 13.89
C SER B 33 15.54 -17.33 12.78
N ASN B 34 16.09 -18.31 12.09
CA ASN B 34 16.89 -18.09 10.90
C ASN B 34 16.12 -18.65 9.70
N MET B 35 16.28 -18.02 8.56
CA MET B 35 15.55 -18.43 7.38
C MET B 35 16.54 -18.54 6.25
N THR B 36 16.38 -19.58 5.43
CA THR B 36 17.16 -19.72 4.20
C THR B 36 16.15 -19.78 3.05
N ILE B 37 16.14 -18.77 2.19
CA ILE B 37 15.29 -18.78 1.01
C ILE B 37 16.09 -19.32 -0.17
N GLU B 38 15.55 -20.29 -0.88
CA GLU B 38 16.29 -20.95 -1.96
C GLU B 38 15.80 -20.50 -3.33
N CYS B 39 16.70 -20.59 -4.30
N CYS B 39 16.75 -20.29 -4.24
CA CYS B 39 16.39 -20.12 -5.63
CA CYS B 39 16.43 -20.10 -5.65
C CYS B 39 17.36 -20.79 -6.61
C CYS B 39 17.40 -21.00 -6.42
N LYS B 40 16.87 -21.77 -7.36
CA LYS B 40 17.69 -22.66 -8.18
C LYS B 40 17.94 -22.06 -9.56
N PHE B 41 19.05 -22.43 -10.17
CA PHE B 41 19.33 -22.04 -11.54
C PHE B 41 20.17 -23.14 -12.18
N PRO B 42 20.04 -23.33 -13.49
CA PRO B 42 20.72 -24.48 -14.14
C PRO B 42 22.23 -24.32 -14.13
N VAL B 43 22.93 -25.39 -13.74
CA VAL B 43 24.38 -25.49 -13.86
C VAL B 43 24.71 -26.87 -14.42
N GLU B 44 25.17 -26.92 -15.67
CA GLU B 44 25.46 -28.20 -16.34
C GLU B 44 26.89 -28.68 -16.09
N LYS B 45 27.89 -27.86 -16.43
CA LYS B 45 29.29 -28.19 -16.22
C LYS B 45 29.76 -27.50 -14.94
N GLN B 46 31.07 -27.38 -14.74
CA GLN B 46 31.57 -26.67 -13.57
C GLN B 46 31.07 -25.22 -13.58
N LEU B 47 30.80 -24.69 -12.39
CA LEU B 47 30.32 -23.31 -12.29
C LEU B 47 31.34 -22.36 -12.87
N ASP B 48 30.90 -21.43 -13.71
CA ASP B 48 31.76 -20.34 -14.15
C ASP B 48 31.39 -19.12 -13.34
N LEU B 49 32.20 -18.83 -12.32
CA LEU B 49 31.84 -17.79 -11.36
C LEU B 49 31.93 -16.40 -11.99
N ALA B 50 32.88 -16.20 -12.91
CA ALA B 50 32.99 -14.89 -13.53
C ALA B 50 31.85 -14.56 -14.46
N ALA B 51 30.95 -15.52 -14.74
CA ALA B 51 29.77 -15.25 -15.56
C ALA B 51 28.49 -15.14 -14.73
N LEU B 52 28.55 -15.34 -13.43
CA LEU B 52 27.35 -15.43 -12.60
C LEU B 52 27.09 -14.11 -11.88
N ILE B 53 25.84 -13.64 -11.94
CA ILE B 53 25.40 -12.47 -11.19
C ILE B 53 24.13 -12.84 -10.41
N VAL B 54 24.13 -12.56 -9.12
CA VAL B 54 22.99 -12.81 -8.25
C VAL B 54 22.66 -11.53 -7.48
N TYR B 55 21.44 -11.03 -7.66
CA TYR B 55 20.88 -9.98 -6.82
C TYR B 55 19.75 -10.58 -6.00
N TRP B 56 19.72 -10.27 -4.71
CA TRP B 56 18.56 -10.52 -3.85
C TRP B 56 18.06 -9.17 -3.38
N GLU B 57 16.77 -8.93 -3.50
CA GLU B 57 16.21 -7.71 -2.92
C GLU B 57 14.85 -8.01 -2.32
N MET B 58 14.39 -7.08 -1.49
CA MET B 58 13.06 -7.17 -0.90
C MET B 58 12.39 -5.83 -1.13
N GLU B 59 11.26 -5.86 -1.84
CA GLU B 59 10.49 -4.65 -2.13
C GLU B 59 11.39 -3.51 -2.55
N ASP B 60 12.29 -3.81 -3.49
CA ASP B 60 13.16 -2.85 -4.14
C ASP B 60 14.20 -2.24 -3.20
N LYS B 61 14.49 -2.90 -2.09
CA LYS B 61 15.68 -2.62 -1.30
C LYS B 61 16.69 -3.74 -1.56
N ASN B 62 17.89 -3.38 -1.95
CA ASN B 62 18.86 -4.42 -2.25
C ASN B 62 19.38 -5.06 -0.97
N ILE B 63 19.62 -6.38 -1.04
CA ILE B 63 20.17 -7.16 0.06
C ILE B 63 21.54 -7.72 -0.30
N ILE B 64 21.63 -8.42 -1.43
CA ILE B 64 22.86 -9.03 -1.91
C ILE B 64 23.07 -8.52 -3.33
N GLN B 65 24.31 -8.20 -3.67
CA GLN B 65 24.71 -7.97 -5.05
C GLN B 65 25.99 -8.78 -5.22
N PHE B 66 25.89 -9.88 -5.95
CA PHE B 66 27.02 -10.79 -6.11
C PHE B 66 27.40 -10.82 -7.59
N VAL B 67 28.48 -10.13 -7.93
CA VAL B 67 28.91 -9.94 -9.31
C VAL B 67 30.27 -10.60 -9.45
N HIS B 68 30.33 -11.69 -10.20
CA HIS B 68 31.60 -12.35 -10.52
C HIS B 68 32.42 -12.62 -9.25
N GLY B 69 31.75 -13.08 -8.20
CA GLY B 69 32.43 -13.58 -7.03
C GLY B 69 32.59 -12.65 -5.85
N GLU B 70 31.83 -11.55 -5.78
CA GLU B 70 31.99 -10.58 -4.69
C GLU B 70 30.66 -9.98 -4.29
N GLU B 71 30.37 -9.98 -2.98
CA GLU B 71 29.27 -9.18 -2.46
C GLU B 71 29.71 -7.74 -2.36
N ASP B 72 28.81 -6.82 -2.69
CA ASP B 72 29.00 -5.39 -2.42
C ASP B 72 27.74 -4.86 -1.76
N LEU B 73 27.84 -4.51 -0.48
CA LEU B 73 26.71 -4.02 0.28
C LEU B 73 26.44 -2.55 -0.05
N LYS B 74 26.65 -2.16 -1.31
CA LYS B 74 26.64 -0.77 -1.74
C LYS B 74 25.26 -0.10 -1.60
N VAL B 75 24.29 -0.54 -2.41
CA VAL B 75 22.95 0.06 -2.41
C VAL B 75 21.99 -0.80 -1.59
N GLN B 76 22.47 -1.33 -0.47
CA GLN B 76 21.69 -2.19 0.41
C GLN B 76 20.99 -1.34 1.46
N HIS B 77 19.65 -1.25 1.35
CA HIS B 77 18.88 -0.65 2.45
C HIS B 77 19.16 -1.49 3.69
N SER B 78 19.81 -0.88 4.67
CA SER B 78 20.44 -1.68 5.72
C SER B 78 19.55 -1.90 6.93
N SER B 79 18.24 -2.10 6.70
CA SER B 79 17.48 -2.91 7.63
C SER B 79 18.14 -4.29 7.79
N TYR B 80 18.64 -4.83 6.69
CA TYR B 80 19.31 -6.11 6.66
C TYR B 80 20.77 -6.01 7.04
N ARG B 81 21.20 -4.86 7.56
CA ARG B 81 22.60 -4.65 7.89
C ARG B 81 23.11 -5.76 8.79
N GLN B 82 24.05 -6.54 8.26
CA GLN B 82 24.84 -7.50 9.04
C GLN B 82 24.07 -8.74 9.48
N ARG B 83 22.94 -9.09 8.84
CA ARG B 83 22.35 -10.40 9.13
C ARG B 83 21.84 -11.12 7.88
N ALA B 84 22.26 -10.71 6.69
CA ALA B 84 21.92 -11.41 5.47
C ALA B 84 23.22 -11.84 4.78
N ARG B 85 23.21 -13.05 4.24
CA ARG B 85 24.36 -13.54 3.49
C ARG B 85 23.88 -14.51 2.43
N LEU B 86 24.59 -14.50 1.29
CA LEU B 86 24.42 -15.52 0.27
C LEU B 86 25.27 -16.73 0.66
N LEU B 87 24.68 -17.93 0.61
CA LEU B 87 25.42 -19.16 0.88
C LEU B 87 26.22 -19.55 -0.36
N LYS B 88 27.52 -19.30 -0.33
CA LYS B 88 28.32 -19.54 -1.52
C LYS B 88 28.61 -21.02 -1.76
N ASP B 89 28.38 -21.88 -0.77
CA ASP B 89 28.62 -23.31 -0.98
C ASP B 89 27.60 -23.91 -1.94
N GLN B 90 26.42 -23.33 -2.03
CA GLN B 90 25.35 -23.89 -2.84
C GLN B 90 25.42 -23.46 -4.30
N LEU B 91 26.33 -22.54 -4.64
CA LEU B 91 26.33 -21.93 -5.97
C LEU B 91 26.67 -22.94 -7.07
N SER B 92 27.71 -23.75 -6.87
CA SER B 92 28.07 -24.64 -7.95
C SER B 92 27.08 -25.79 -8.09
N LEU B 93 26.22 -26.00 -7.10
CA LEU B 93 25.08 -26.91 -7.24
C LEU B 93 23.86 -26.21 -7.83
N GLY B 94 23.99 -24.99 -8.32
CA GLY B 94 22.86 -24.26 -8.89
C GLY B 94 21.88 -23.74 -7.87
N ASN B 95 22.31 -23.44 -6.66
CA ASN B 95 21.43 -22.94 -5.61
C ASN B 95 21.97 -21.60 -5.13
N ALA B 96 21.19 -20.56 -5.30
CA ALA B 96 21.55 -19.24 -4.80
C ALA B 96 20.65 -19.05 -3.58
N ALA B 97 21.16 -19.36 -2.41
CA ALA B 97 20.37 -19.35 -1.19
C ALA B 97 20.69 -18.10 -0.37
N LEU B 98 19.64 -17.37 -0.01
CA LEU B 98 19.75 -16.19 0.83
C LEU B 98 19.45 -16.63 2.27
N GLN B 99 20.40 -16.41 3.17
CA GLN B 99 20.18 -16.70 4.59
C GLN B 99 20.05 -15.42 5.39
N ILE B 100 18.94 -15.27 6.11
CA ILE B 100 18.71 -14.16 7.01
C ILE B 100 18.72 -14.72 8.43
N THR B 101 19.58 -14.17 9.26
CA THR B 101 19.75 -14.61 10.64
C THR B 101 18.94 -13.69 11.54
N ASP B 102 18.26 -14.26 12.55
CA ASP B 102 17.51 -13.48 13.55
C ASP B 102 16.42 -12.63 12.86
N VAL B 103 15.40 -13.35 12.38
CA VAL B 103 14.39 -12.74 11.53
C VAL B 103 13.58 -11.75 12.35
N LYS B 104 13.34 -10.58 11.78
CA LYS B 104 12.57 -9.54 12.39
C LYS B 104 11.27 -9.32 11.62
N LEU B 105 10.35 -8.58 12.18
CA LEU B 105 9.08 -8.34 11.51
C LEU B 105 9.27 -7.54 10.22
N GLN B 106 10.23 -6.61 10.21
CA GLN B 106 10.46 -5.86 8.98
C GLN B 106 11.02 -6.71 7.86
N ASP B 107 11.43 -7.97 8.11
CA ASP B 107 11.83 -8.86 7.00
C ASP B 107 10.64 -9.36 6.20
N ALA B 108 9.41 -9.13 6.65
CA ALA B 108 8.26 -9.67 5.94
C ALA B 108 8.03 -8.92 4.63
N GLY B 109 7.72 -9.65 3.57
CA GLY B 109 7.42 -9.01 2.30
C GLY B 109 7.81 -9.91 1.14
N VAL B 110 7.88 -9.29 -0.03
CA VAL B 110 8.11 -9.97 -1.31
C VAL B 110 9.59 -9.81 -1.66
N TYR B 111 10.31 -10.92 -1.70
CA TYR B 111 11.72 -10.99 -2.10
C TYR B 111 11.82 -11.35 -3.59
N ARG B 112 12.87 -10.87 -4.24
CA ARG B 112 13.19 -11.28 -5.59
C ARG B 112 14.60 -11.84 -5.64
N CYS B 113 14.74 -12.94 -6.37
N CYS B 113 14.76 -12.97 -6.31
CA CYS B 113 16.01 -13.58 -6.69
CA CYS B 113 16.07 -13.49 -6.64
C CYS B 113 16.28 -13.36 -8.17
C CYS B 113 16.27 -13.30 -8.14
N MET B 114 17.28 -12.53 -8.49
CA MET B 114 17.55 -12.15 -9.86
C MET B 114 18.87 -12.80 -10.24
N ILE B 115 18.89 -13.57 -11.32
CA ILE B 115 20.07 -14.37 -11.62
C ILE B 115 20.38 -14.24 -13.10
N SER B 116 21.60 -13.87 -13.42
CA SER B 116 22.12 -13.86 -14.77
C SER B 116 23.25 -14.89 -14.81
N TYR B 117 23.10 -15.91 -15.65
CA TYR B 117 24.12 -16.95 -15.76
C TYR B 117 23.92 -17.54 -17.15
N GLY B 118 24.39 -16.81 -18.15
CA GLY B 118 24.20 -17.22 -19.53
C GLY B 118 22.74 -17.25 -19.89
N GLY B 119 22.07 -16.11 -19.77
CA GLY B 119 20.62 -16.07 -19.74
C GLY B 119 20.21 -15.50 -18.41
N ALA B 120 19.04 -14.85 -18.33
CA ALA B 120 18.63 -14.15 -17.11
C ALA B 120 17.15 -14.42 -16.85
N ASP B 121 16.79 -14.32 -15.57
CA ASP B 121 15.44 -14.64 -15.09
C ASP B 121 15.36 -14.22 -13.63
N TYR B 122 14.16 -14.24 -13.09
CA TYR B 122 14.02 -13.96 -11.67
C TYR B 122 12.71 -14.56 -11.18
N LYS B 123 12.63 -14.80 -9.87
CA LYS B 123 11.37 -15.23 -9.27
C LYS B 123 11.14 -14.47 -7.97
N ARG B 124 9.88 -14.48 -7.55
CA ARG B 124 9.42 -13.82 -6.35
C ARG B 124 9.21 -14.85 -5.25
N ILE B 125 9.46 -14.43 -4.02
CA ILE B 125 9.21 -15.28 -2.86
C ILE B 125 8.57 -14.41 -1.79
N THR B 126 7.44 -14.86 -1.25
CA THR B 126 6.75 -14.15 -0.19
C THR B 126 7.19 -14.71 1.16
N VAL B 127 7.57 -13.81 2.06
CA VAL B 127 7.98 -14.19 3.42
C VAL B 127 6.97 -13.58 4.40
N LYS B 128 6.37 -14.42 5.24
CA LYS B 128 5.51 -14.00 6.33
C LYS B 128 6.23 -14.24 7.65
N VAL B 129 6.20 -13.25 8.55
CA VAL B 129 6.82 -13.36 9.87
C VAL B 129 5.72 -13.39 10.94
N ASN B 130 5.65 -14.49 11.68
CA ASN B 130 4.90 -14.55 12.93
C ASN B 130 5.74 -13.97 14.05
N ALA B 131 5.08 -13.31 15.01
CA ALA B 131 5.80 -12.80 16.16
C ALA B 131 4.87 -12.76 17.35
N PRO B 132 5.41 -12.97 18.56
CA PRO B 132 4.63 -12.77 19.78
C PRO B 132 4.43 -11.30 20.09
N TYR B 133 3.46 -11.06 20.97
CA TYR B 133 3.02 -9.72 21.31
C TYR B 133 4.19 -8.80 21.65
N ALA B 134 5.12 -9.28 22.48
CA ALA B 134 6.22 -8.43 22.91
C ALA B 134 7.00 -7.90 21.70
N ALA B 135 7.33 -8.76 20.74
CA ALA B 135 8.08 -8.30 19.58
C ALA B 135 7.21 -7.45 18.67
N ALA B 136 5.93 -7.78 18.56
CA ALA B 136 5.06 -6.99 17.69
C ALA B 136 4.82 -5.60 18.27
N LEU B 137 4.76 -5.50 19.61
CA LEU B 137 4.61 -4.20 20.26
C LEU B 137 5.81 -3.30 20.05
N GLU B 138 7.02 -3.87 20.17
CA GLU B 138 8.24 -3.10 19.92
C GLU B 138 8.28 -2.60 18.48
N HIS B 139 7.97 -3.47 17.52
CA HIS B 139 7.90 -3.07 16.12
C HIS B 139 6.82 -2.02 15.93
N HIS B 140 5.65 -2.22 16.53
CA HIS B 140 4.50 -1.35 16.29
C HIS B 140 4.81 0.10 16.69
N HIS B 141 5.47 0.28 17.83
CA HIS B 141 5.68 1.62 18.37
C HIS B 141 7.03 2.22 18.00
N HIS B 142 8.02 1.42 17.60
CA HIS B 142 9.40 1.91 17.49
C HIS B 142 10.09 1.61 16.17
N HIS B 143 9.37 1.14 15.16
CA HIS B 143 9.98 0.95 13.85
C HIS B 143 9.75 2.15 12.92
N ALA C 17 -33.03 6.87 8.64
CA ALA C 17 -32.24 7.49 9.69
C ALA C 17 -31.30 8.57 9.15
N PHE C 18 -30.27 8.88 9.93
CA PHE C 18 -29.37 9.98 9.62
C PHE C 18 -28.33 9.53 8.61
N THR C 19 -28.28 10.23 7.48
CA THR C 19 -27.36 9.89 6.39
C THR C 19 -26.57 11.13 6.01
N VAL C 20 -25.25 11.02 6.04
CA VAL C 20 -24.38 11.91 5.28
C VAL C 20 -24.36 11.43 3.84
N THR C 21 -24.53 12.36 2.90
CA THR C 21 -24.38 12.00 1.49
C THR C 21 -23.30 12.86 0.87
N VAL C 22 -22.71 12.33 -0.20
CA VAL C 22 -21.70 13.03 -0.99
C VAL C 22 -22.18 13.05 -2.43
N PRO C 23 -22.74 14.15 -2.92
CA PRO C 23 -23.12 14.18 -4.34
C PRO C 23 -21.95 13.85 -5.25
N LYS C 24 -20.75 14.27 -4.86
CA LYS C 24 -19.54 14.12 -5.67
C LYS C 24 -18.47 13.47 -4.80
N ASP C 25 -18.19 12.18 -5.01
CA ASP C 25 -17.19 11.48 -4.22
C ASP C 25 -15.82 11.42 -4.91
N LEU C 26 -15.63 12.15 -5.99
CA LEU C 26 -14.36 12.16 -6.70
C LEU C 26 -14.07 13.59 -7.12
N TYR C 27 -12.90 14.11 -6.74
CA TYR C 27 -12.45 15.41 -7.20
C TYR C 27 -11.11 15.25 -7.93
N VAL C 28 -10.95 15.96 -9.03
CA VAL C 28 -9.70 15.99 -9.78
C VAL C 28 -9.24 17.44 -9.77
N VAL C 29 -8.12 17.70 -9.08
CA VAL C 29 -7.67 19.07 -8.82
C VAL C 29 -6.25 19.26 -9.34
N GLU C 30 -5.96 20.50 -9.76
CA GLU C 30 -4.64 20.90 -10.26
C GLU C 30 -3.76 21.37 -9.10
N TYR C 31 -2.50 20.95 -9.13
CA TYR C 31 -1.53 21.37 -8.12
C TYR C 31 -1.51 22.90 -8.05
N GLY C 32 -1.45 23.44 -6.83
CA GLY C 32 -1.50 24.89 -6.64
C GLY C 32 -2.88 25.50 -6.72
N SER C 33 -3.90 24.70 -6.98
CA SER C 33 -5.25 25.23 -7.13
C SER C 33 -5.99 25.14 -5.80
N ASN C 34 -7.29 25.39 -5.83
CA ASN C 34 -8.15 25.35 -4.67
C ASN C 34 -9.21 24.29 -4.91
N MET C 35 -9.67 23.63 -3.84
CA MET C 35 -10.79 22.71 -3.96
C MET C 35 -11.72 22.91 -2.78
N THR C 36 -12.99 22.55 -2.97
CA THR C 36 -13.96 22.59 -1.88
C THR C 36 -14.72 21.28 -1.98
N ILE C 37 -14.52 20.37 -1.03
CA ILE C 37 -15.20 19.08 -1.07
C ILE C 37 -16.33 19.09 -0.05
N GLU C 38 -17.46 18.52 -0.44
CA GLU C 38 -18.70 18.79 0.27
C GLU C 38 -19.37 17.50 0.72
N CYS C 39 -19.94 17.55 1.93
CA CYS C 39 -20.76 16.50 2.47
C CYS C 39 -22.07 17.12 2.93
N LYS C 40 -23.18 16.49 2.61
CA LYS C 40 -24.48 16.98 3.00
C LYS C 40 -25.06 16.14 4.12
N PHE C 41 -25.74 16.81 5.04
CA PHE C 41 -26.44 16.16 6.13
C PHE C 41 -27.72 16.95 6.39
N PRO C 42 -28.78 16.27 6.80
CA PRO C 42 -30.10 16.93 6.84
C PRO C 42 -30.25 17.86 8.03
N VAL C 43 -30.77 19.06 7.77
CA VAL C 43 -31.16 20.00 8.82
C VAL C 43 -32.66 20.27 8.69
N GLU C 44 -33.38 20.14 9.81
CA GLU C 44 -34.84 20.15 9.83
C GLU C 44 -35.36 21.55 9.54
N LYS C 45 -35.14 22.46 10.50
CA LYS C 45 -35.55 23.84 10.35
C LYS C 45 -34.33 24.74 10.55
N GLN C 46 -34.09 25.16 11.79
CA GLN C 46 -32.91 25.94 12.12
C GLN C 46 -31.80 25.00 12.59
N LEU C 47 -30.57 25.32 12.21
CA LEU C 47 -29.42 24.55 12.64
C LEU C 47 -29.14 24.78 14.12
N ASP C 48 -28.82 23.71 14.83
CA ASP C 48 -28.50 23.78 16.26
C ASP C 48 -27.02 23.43 16.43
N LEU C 49 -26.17 24.46 16.52
CA LEU C 49 -24.73 24.25 16.64
C LEU C 49 -24.34 23.41 17.85
N ALA C 50 -25.09 23.51 18.95
CA ALA C 50 -24.72 22.75 20.14
C ALA C 50 -24.70 21.25 19.87
N ALA C 51 -25.60 20.75 19.03
CA ALA C 51 -25.68 19.31 18.75
C ALA C 51 -24.77 18.83 17.62
N LEU C 52 -24.00 19.73 17.01
CA LEU C 52 -23.31 19.42 15.76
C LEU C 52 -21.84 19.18 16.00
N ILE C 53 -21.35 18.08 15.46
CA ILE C 53 -19.93 17.77 15.42
C ILE C 53 -19.56 17.43 13.99
N VAL C 54 -18.57 18.14 13.44
CA VAL C 54 -18.09 17.85 12.09
C VAL C 54 -16.60 17.64 12.17
N TYR C 55 -16.16 16.45 11.77
CA TYR C 55 -14.76 16.08 11.75
C TYR C 55 -14.36 15.72 10.33
N TRP C 56 -13.27 16.30 9.84
CA TRP C 56 -12.75 16.02 8.51
C TRP C 56 -11.31 15.55 8.64
N GLU C 57 -10.95 14.54 7.89
CA GLU C 57 -9.62 14.00 7.91
C GLU C 57 -9.29 13.30 6.60
N MET C 58 -8.02 12.98 6.43
CA MET C 58 -7.55 12.23 5.29
C MET C 58 -6.58 11.19 5.76
N GLU C 59 -6.82 9.98 5.39
CA GLU C 59 -6.06 8.79 5.76
C GLU C 59 -5.40 8.90 7.14
N ASP C 60 -6.16 9.35 8.15
CA ASP C 60 -5.75 9.40 9.55
C ASP C 60 -4.93 10.65 9.90
N LYS C 61 -5.22 11.78 9.25
CA LYS C 61 -4.66 13.06 9.64
C LYS C 61 -5.80 14.06 9.85
N ASN C 62 -5.83 14.70 11.01
CA ASN C 62 -6.91 15.62 11.36
C ASN C 62 -6.82 16.90 10.51
N ILE C 63 -7.95 17.31 9.95
CA ILE C 63 -8.04 18.56 9.20
C ILE C 63 -8.97 19.55 9.89
N ILE C 64 -10.13 19.08 10.33
CA ILE C 64 -11.15 19.93 10.92
C ILE C 64 -11.71 19.19 12.12
N GLN C 65 -11.82 19.88 13.24
CA GLN C 65 -12.46 19.35 14.44
C GLN C 65 -13.40 20.44 14.94
N PHE C 66 -14.68 20.31 14.57
CA PHE C 66 -15.69 21.32 14.84
C PHE C 66 -16.69 20.72 15.83
N VAL C 67 -16.58 21.11 17.10
CA VAL C 67 -17.32 20.48 18.18
C VAL C 67 -18.20 21.52 18.83
N HIS C 68 -19.51 21.33 18.72
CA HIS C 68 -20.48 22.15 19.42
C HIS C 68 -20.21 23.64 19.20
N GLY C 69 -19.99 24.00 17.92
CA GLY C 69 -19.94 25.38 17.52
C GLY C 69 -18.57 25.96 17.28
N GLU C 70 -17.51 25.33 17.79
CA GLU C 70 -16.20 25.95 17.79
C GLU C 70 -15.21 25.07 17.05
N GLU C 71 -14.47 25.66 16.12
CA GLU C 71 -13.40 24.98 15.41
C GLU C 71 -12.27 24.95 16.42
N ASP C 72 -11.60 23.83 16.53
CA ASP C 72 -10.45 23.72 17.43
C ASP C 72 -9.20 24.02 16.59
N LEU C 73 -8.78 25.28 16.63
CA LEU C 73 -7.77 25.76 15.68
C LEU C 73 -6.41 25.12 15.92
N LYS C 74 -6.12 24.69 17.15
CA LYS C 74 -4.80 24.22 17.54
C LYS C 74 -4.60 22.72 17.33
N VAL C 75 -5.63 21.97 16.92
CA VAL C 75 -5.45 20.53 16.67
C VAL C 75 -5.32 20.19 15.18
N GLN C 76 -5.41 21.17 14.30
CA GLN C 76 -5.20 20.91 12.87
C GLN C 76 -3.81 20.36 12.62
N HIS C 77 -3.72 19.36 11.73
CA HIS C 77 -2.43 18.78 11.36
C HIS C 77 -1.57 19.82 10.62
N SER C 78 -0.26 19.74 10.85
CA SER C 78 0.67 20.75 10.35
C SER C 78 0.60 20.91 8.84
N SER C 79 0.59 19.79 8.11
CA SER C 79 0.61 19.87 6.65
C SER C 79 -0.64 20.51 6.08
N TYR C 80 -1.66 20.77 6.89
CA TYR C 80 -2.86 21.47 6.46
C TYR C 80 -3.02 22.83 7.11
N ARG C 81 -2.07 23.26 7.93
CA ARG C 81 -2.21 24.52 8.64
C ARG C 81 -2.29 25.68 7.66
N GLN C 82 -3.24 26.59 7.92
CA GLN C 82 -3.49 27.80 7.15
C GLN C 82 -3.97 27.54 5.73
N ARG C 83 -4.29 26.28 5.37
CA ARG C 83 -4.79 25.96 4.03
C ARG C 83 -6.20 25.42 4.02
N ALA C 84 -6.72 24.99 5.16
CA ALA C 84 -7.99 24.29 5.24
C ALA C 84 -8.92 24.98 6.23
N ARG C 85 -10.18 25.11 5.86
CA ARG C 85 -11.16 25.57 6.82
C ARG C 85 -12.54 25.07 6.45
N LEU C 86 -13.39 24.99 7.46
CA LEU C 86 -14.78 24.63 7.27
C LEU C 86 -15.58 25.91 6.99
N LEU C 87 -16.40 25.88 5.93
CA LEU C 87 -17.21 27.04 5.59
C LEU C 87 -18.43 27.04 6.50
N LYS C 88 -18.35 27.79 7.61
CA LYS C 88 -19.39 27.72 8.63
C LYS C 88 -20.74 28.19 8.12
N ASP C 89 -20.77 29.12 7.15
CA ASP C 89 -22.06 29.57 6.64
C ASP C 89 -22.81 28.44 5.95
N GLN C 90 -22.09 27.45 5.41
CA GLN C 90 -22.73 26.34 4.70
C GLN C 90 -23.41 25.35 5.64
N LEU C 91 -23.05 25.32 6.92
CA LEU C 91 -23.69 24.38 7.83
C LEU C 91 -25.18 24.64 7.95
N SER C 92 -25.59 25.91 8.01
CA SER C 92 -27.00 26.24 8.09
C SER C 92 -27.79 25.58 6.96
N LEU C 93 -27.12 25.30 5.84
CA LEU C 93 -27.75 24.64 4.70
C LEU C 93 -27.59 23.12 4.71
N GLY C 94 -27.01 22.55 5.76
CA GLY C 94 -26.75 21.12 5.75
C GLY C 94 -25.63 20.71 4.82
N ASN C 95 -24.64 21.57 4.63
CA ASN C 95 -23.49 21.30 3.78
C ASN C 95 -22.25 21.51 4.63
N ALA C 96 -21.49 20.44 4.86
CA ALA C 96 -20.28 20.55 5.66
C ALA C 96 -19.30 21.50 5.00
N ALA C 97 -18.71 21.05 3.88
CA ALA C 97 -17.93 21.88 2.95
C ALA C 97 -16.53 22.26 3.45
N LEU C 98 -15.54 21.47 3.04
CA LEU C 98 -14.14 21.70 3.38
C LEU C 98 -13.45 22.42 2.23
N GLN C 99 -12.96 23.63 2.49
CA GLN C 99 -12.27 24.42 1.47
C GLN C 99 -10.79 24.29 1.70
N ILE C 100 -10.07 23.85 0.66
CA ILE C 100 -8.62 23.66 0.73
C ILE C 100 -7.96 24.51 -0.33
N THR C 101 -6.98 25.32 0.08
CA THR C 101 -6.26 26.20 -0.84
C THR C 101 -4.83 25.69 -1.06
N ASP C 102 -4.23 26.15 -2.15
CA ASP C 102 -2.85 25.81 -2.55
C ASP C 102 -2.61 24.29 -2.50
N VAL C 103 -3.39 23.57 -3.31
CA VAL C 103 -3.42 22.11 -3.24
C VAL C 103 -2.06 21.54 -3.57
N LYS C 104 -1.61 20.59 -2.75
CA LYS C 104 -0.33 19.91 -2.89
C LYS C 104 -0.55 18.47 -3.32
N LEU C 105 0.49 17.85 -3.89
CA LEU C 105 0.37 16.44 -4.26
C LEU C 105 0.12 15.56 -3.04
N GLN C 106 0.61 15.98 -1.87
CA GLN C 106 0.30 15.24 -0.64
C GLN C 106 -1.17 15.23 -0.32
N ASP C 107 -1.95 16.15 -0.92
CA ASP C 107 -3.38 16.21 -0.65
C ASP C 107 -4.17 15.10 -1.36
N ALA C 108 -3.56 14.35 -2.26
CA ALA C 108 -4.26 13.29 -2.97
C ALA C 108 -4.51 12.13 -2.03
N GLY C 109 -5.70 11.56 -2.10
CA GLY C 109 -6.03 10.42 -1.27
C GLY C 109 -7.49 10.48 -0.85
N VAL C 110 -7.82 9.62 0.10
CA VAL C 110 -9.18 9.43 0.57
C VAL C 110 -9.42 10.33 1.77
N TYR C 111 -10.40 11.21 1.65
CA TYR C 111 -10.89 12.06 2.73
C TYR C 111 -12.14 11.44 3.34
N ARG C 112 -12.41 11.79 4.60
CA ARG C 112 -13.60 11.35 5.29
C ARG C 112 -14.26 12.54 5.96
N CYS C 113 -15.57 12.67 5.79
CA CYS C 113 -16.34 13.63 6.59
C CYS C 113 -17.20 12.84 7.58
N MET C 114 -16.92 13.02 8.86
CA MET C 114 -17.68 12.36 9.90
C MET C 114 -18.54 13.40 10.58
N ILE C 115 -19.85 13.15 10.62
CA ILE C 115 -20.82 14.15 11.05
C ILE C 115 -21.74 13.52 12.08
N SER C 116 -21.96 14.24 13.17
CA SER C 116 -22.86 13.81 14.24
C SER C 116 -23.83 14.95 14.49
N TYR C 117 -25.11 14.66 14.35
CA TYR C 117 -26.17 15.66 14.42
C TYR C 117 -27.46 14.90 14.65
N GLY C 118 -27.71 14.54 15.92
CA GLY C 118 -28.89 13.78 16.28
C GLY C 118 -28.95 12.48 15.50
N GLY C 119 -27.83 11.76 15.51
CA GLY C 119 -27.54 10.73 14.53
C GLY C 119 -26.11 10.90 14.09
N ALA C 120 -25.49 9.89 13.51
CA ALA C 120 -24.11 10.06 13.06
C ALA C 120 -23.85 9.14 11.89
N ASP C 121 -22.91 9.57 11.02
CA ASP C 121 -22.61 8.87 9.78
C ASP C 121 -21.36 9.50 9.21
N TYR C 122 -20.74 8.81 8.25
CA TYR C 122 -19.58 9.40 7.60
C TYR C 122 -19.57 8.95 6.14
N LYS C 123 -18.85 9.71 5.32
CA LYS C 123 -18.64 9.32 3.92
C LYS C 123 -17.19 9.56 3.54
N ARG C 124 -16.77 8.88 2.46
CA ARG C 124 -15.45 8.96 1.88
C ARG C 124 -15.51 9.80 0.62
N ILE C 125 -14.43 10.55 0.35
CA ILE C 125 -14.25 11.27 -0.91
C ILE C 125 -12.83 11.04 -1.40
N THR C 126 -12.67 10.72 -2.68
CA THR C 126 -11.35 10.54 -3.27
C THR C 126 -10.92 11.80 -3.99
N VAL C 127 -9.70 12.24 -3.71
CA VAL C 127 -9.07 13.36 -4.38
C VAL C 127 -7.88 12.87 -5.19
N LYS C 128 -7.83 13.28 -6.47
CA LYS C 128 -6.64 13.08 -7.31
C LYS C 128 -6.04 14.44 -7.61
N VAL C 129 -4.72 14.51 -7.63
CA VAL C 129 -4.05 15.78 -7.89
C VAL C 129 -3.19 15.63 -9.15
N ASN C 130 -3.48 16.43 -10.17
CA ASN C 130 -2.64 16.58 -11.33
C ASN C 130 -1.51 17.56 -11.02
N ALA C 131 -0.34 17.34 -11.61
CA ALA C 131 0.77 18.21 -11.27
C ALA C 131 1.82 18.18 -12.38
N PRO C 132 2.51 19.29 -12.63
CA PRO C 132 3.60 19.29 -13.60
C PRO C 132 4.81 18.53 -13.05
N TYR C 133 5.79 18.39 -13.93
CA TYR C 133 6.98 17.58 -13.62
C TYR C 133 7.69 18.11 -12.38
N ALA C 134 7.99 19.42 -12.35
CA ALA C 134 8.81 19.97 -11.28
C ALA C 134 8.17 19.75 -9.91
N ALA C 135 6.86 20.01 -9.81
CA ALA C 135 6.14 19.73 -8.58
C ALA C 135 6.25 18.25 -8.21
N ALA C 136 6.14 17.36 -9.19
CA ALA C 136 6.13 15.93 -8.91
C ALA C 136 7.35 15.49 -8.13
N LEU C 137 8.31 16.38 -7.94
CA LEU C 137 9.38 16.15 -6.97
C LEU C 137 9.35 17.20 -5.86
N GLU C 138 8.70 16.97 -4.71
CA GLU C 138 7.97 15.77 -4.27
C GLU C 138 8.93 14.65 -4.52
N HIS C 139 8.42 13.50 -4.88
CA HIS C 139 9.17 12.29 -5.25
C HIS C 139 10.51 12.04 -4.54
N HIS C 140 11.20 13.07 -4.07
CA HIS C 140 12.43 12.91 -3.28
C HIS C 140 12.35 13.67 -1.94
N ALA D 17 32.88 -2.49 -15.06
CA ALA D 17 31.75 -3.13 -14.39
C ALA D 17 30.42 -2.58 -14.92
N PHE D 18 29.48 -3.48 -15.19
CA PHE D 18 28.30 -3.19 -15.99
C PHE D 18 27.21 -2.52 -15.14
N THR D 19 26.77 -1.31 -15.53
CA THR D 19 25.66 -0.64 -14.86
C THR D 19 24.66 -0.08 -15.86
N VAL D 20 23.38 -0.23 -15.54
CA VAL D 20 22.28 0.31 -16.32
C VAL D 20 21.95 1.69 -15.78
N THR D 21 21.81 2.67 -16.68
CA THR D 21 21.53 4.05 -16.29
C THR D 21 20.20 4.46 -16.89
N VAL D 22 19.49 5.35 -16.20
CA VAL D 22 18.19 5.83 -16.64
C VAL D 22 18.26 7.34 -16.70
N PRO D 23 18.03 7.96 -17.86
CA PRO D 23 18.18 9.42 -17.93
C PRO D 23 17.23 10.14 -17.00
N LYS D 24 16.02 9.63 -16.92
CA LYS D 24 15.00 10.19 -16.06
C LYS D 24 14.37 9.09 -15.25
N ASP D 25 14.31 9.24 -13.94
CA ASP D 25 13.67 8.23 -13.11
C ASP D 25 12.21 8.55 -12.81
N LEU D 26 11.65 9.59 -13.44
CA LEU D 26 10.25 9.97 -13.22
C LEU D 26 9.68 10.54 -14.50
N TYR D 27 8.52 10.04 -14.93
CA TYR D 27 7.82 10.55 -16.10
C TYR D 27 6.46 11.04 -15.67
N VAL D 28 6.17 12.31 -15.94
CA VAL D 28 4.82 12.86 -15.82
C VAL D 28 4.24 12.98 -17.23
N VAL D 29 3.23 12.18 -17.52
CA VAL D 29 2.65 12.19 -18.85
C VAL D 29 1.14 12.39 -18.73
N GLU D 30 0.56 12.89 -19.80
CA GLU D 30 -0.87 13.12 -19.85
C GLU D 30 -1.57 11.89 -20.41
N TYR D 31 -2.72 11.58 -19.82
CA TYR D 31 -3.63 10.55 -20.29
C TYR D 31 -3.84 10.66 -21.80
N GLY D 32 -3.81 9.52 -22.49
CA GLY D 32 -3.99 9.49 -23.93
C GLY D 32 -2.75 9.79 -24.74
N SER D 33 -1.72 10.36 -24.12
CA SER D 33 -0.48 10.69 -24.81
C SER D 33 0.30 9.41 -25.12
N ASN D 34 1.46 9.56 -25.76
CA ASN D 34 2.40 8.47 -25.93
C ASN D 34 3.65 8.75 -25.11
N MET D 35 4.32 7.68 -24.73
CA MET D 35 5.38 7.75 -23.75
C MET D 35 6.51 6.81 -24.16
N THR D 36 7.74 7.35 -24.17
CA THR D 36 8.95 6.58 -24.39
C THR D 36 9.85 6.73 -23.17
N ILE D 37 9.97 5.68 -22.35
CA ILE D 37 10.81 5.74 -21.15
C ILE D 37 12.18 5.14 -21.46
N GLU D 38 13.17 5.97 -21.27
CA GLU D 38 14.53 5.64 -21.64
C GLU D 38 15.36 4.91 -20.65
N CYS D 39 16.38 4.26 -21.16
CA CYS D 39 17.15 3.42 -20.24
C CYS D 39 18.41 2.94 -20.97
N LYS D 40 19.53 3.55 -20.64
CA LYS D 40 20.77 3.33 -21.37
C LYS D 40 21.60 2.22 -20.71
N PHE D 41 22.55 1.66 -21.48
CA PHE D 41 23.43 0.61 -20.98
C PHE D 41 24.69 0.53 -21.85
N PRO D 42 25.84 0.19 -21.27
CA PRO D 42 27.11 0.24 -22.02
C PRO D 42 27.11 -0.56 -23.31
N VAL D 43 27.67 0.06 -24.35
CA VAL D 43 28.08 -0.62 -25.57
C VAL D 43 29.39 0.04 -26.05
N GLU D 44 30.47 -0.73 -26.07
CA GLU D 44 31.77 -0.22 -26.50
C GLU D 44 32.29 -0.89 -27.78
N LYS D 45 31.53 -1.80 -28.37
CA LYS D 45 31.90 -2.44 -29.62
C LYS D 45 30.63 -2.70 -30.42
N GLN D 46 30.73 -3.51 -31.46
CA GLN D 46 29.55 -3.86 -32.23
C GLN D 46 28.58 -4.67 -31.36
N LEU D 47 27.30 -4.30 -31.38
CA LEU D 47 26.33 -4.93 -30.51
C LEU D 47 26.12 -6.38 -30.89
N ASP D 48 26.03 -7.24 -29.87
CA ASP D 48 25.84 -8.68 -30.05
C ASP D 48 24.46 -9.03 -29.49
N LEU D 49 23.46 -9.11 -30.39
CA LEU D 49 22.11 -9.46 -29.99
C LEU D 49 22.03 -10.82 -29.33
N ALA D 50 23.04 -11.67 -29.52
CA ALA D 50 23.01 -13.00 -28.92
C ALA D 50 23.28 -12.95 -27.42
N ALA D 51 24.13 -12.03 -26.97
CA ALA D 51 24.49 -11.90 -25.57
C ALA D 51 23.58 -10.96 -24.81
N LEU D 52 22.48 -10.52 -25.41
CA LEU D 52 21.61 -9.50 -24.87
C LEU D 52 20.32 -10.11 -24.35
N ILE D 53 19.88 -9.66 -23.18
CA ILE D 53 18.53 -9.90 -22.69
C ILE D 53 17.96 -8.57 -22.24
N VAL D 54 16.72 -8.29 -22.64
CA VAL D 54 16.02 -7.05 -22.31
C VAL D 54 14.70 -7.41 -21.64
N TYR D 55 14.50 -6.96 -20.41
CA TYR D 55 13.28 -7.24 -19.67
C TYR D 55 12.69 -5.95 -19.15
N TRP D 56 11.46 -5.64 -19.57
CA TRP D 56 10.74 -4.46 -19.12
C TRP D 56 9.50 -4.89 -18.34
N GLU D 57 9.28 -4.21 -17.23
CA GLU D 57 8.27 -4.65 -16.29
C GLU D 57 7.60 -3.45 -15.65
N MET D 58 6.38 -3.68 -15.19
CA MET D 58 5.61 -2.68 -14.45
C MET D 58 4.98 -3.47 -13.32
N GLU D 59 5.44 -3.22 -12.09
CA GLU D 59 5.17 -4.10 -10.97
C GLU D 59 5.39 -5.57 -11.34
N ASP D 60 4.34 -6.37 -11.42
CA ASP D 60 4.49 -7.80 -11.72
C ASP D 60 4.08 -8.15 -13.14
N LYS D 61 3.82 -7.18 -14.00
CA LYS D 61 3.32 -7.46 -15.33
C LYS D 61 4.48 -7.49 -16.32
N ASN D 62 4.50 -8.53 -17.14
CA ASN D 62 5.45 -8.62 -18.24
C ASN D 62 5.04 -7.66 -19.35
N ILE D 63 5.95 -6.76 -19.73
CA ILE D 63 5.73 -5.84 -20.86
C ILE D 63 6.55 -6.25 -22.07
N ILE D 64 7.86 -6.38 -21.92
CA ILE D 64 8.76 -6.71 -23.02
C ILE D 64 9.75 -7.76 -22.57
N GLN D 65 9.89 -8.82 -23.36
CA GLN D 65 10.81 -9.91 -23.05
C GLN D 65 11.62 -10.23 -24.31
N PHE D 66 12.83 -9.70 -24.37
CA PHE D 66 13.66 -9.69 -25.56
C PHE D 66 14.93 -10.45 -25.21
N VAL D 67 15.00 -11.72 -25.63
CA VAL D 67 16.06 -12.63 -25.22
C VAL D 67 16.68 -13.25 -26.48
N HIS D 68 18.01 -13.16 -26.57
CA HIS D 68 18.78 -13.70 -27.70
C HIS D 68 18.16 -13.27 -29.03
N GLY D 69 17.87 -11.97 -29.13
CA GLY D 69 17.34 -11.40 -30.35
C GLY D 69 15.89 -11.70 -30.63
N GLU D 70 15.28 -12.64 -29.91
CA GLU D 70 13.85 -12.93 -30.07
C GLU D 70 13.02 -12.15 -29.05
N GLU D 71 11.80 -11.77 -29.46
CA GLU D 71 10.87 -11.04 -28.61
C GLU D 71 9.60 -11.85 -28.46
N ASP D 72 9.26 -12.21 -27.22
CA ASP D 72 8.22 -13.21 -26.93
C ASP D 72 6.91 -12.51 -26.59
N LEU D 73 6.11 -12.22 -27.61
CA LEU D 73 4.72 -11.86 -27.39
C LEU D 73 3.97 -13.08 -26.86
N LYS D 74 2.75 -12.86 -26.38
CA LYS D 74 1.87 -13.81 -25.72
C LYS D 74 2.34 -14.15 -24.31
N VAL D 75 3.60 -13.85 -23.94
CA VAL D 75 3.94 -13.76 -22.51
C VAL D 75 3.61 -12.37 -21.98
N GLN D 76 3.48 -11.39 -22.87
CA GLN D 76 3.05 -10.04 -22.52
C GLN D 76 1.72 -10.07 -21.78
N HIS D 77 1.69 -9.37 -20.64
CA HIS D 77 0.46 -9.17 -19.90
C HIS D 77 -0.61 -8.60 -20.83
N SER D 78 -1.85 -9.06 -20.65
CA SER D 78 -2.96 -8.59 -21.46
C SER D 78 -3.09 -7.07 -21.41
N SER D 79 -2.65 -6.45 -20.31
CA SER D 79 -2.79 -5.01 -20.15
C SER D 79 -2.04 -4.23 -21.23
N TYR D 80 -0.95 -4.78 -21.78
CA TYR D 80 -0.07 -4.03 -22.67
C TYR D 80 -0.09 -4.55 -24.12
N ARG D 81 -1.05 -5.39 -24.47
CA ARG D 81 -1.14 -5.93 -25.82
C ARG D 81 -1.35 -4.80 -26.83
N GLN D 82 -0.56 -4.83 -27.91
CA GLN D 82 -0.60 -3.90 -29.04
C GLN D 82 -0.22 -2.46 -28.68
N ARG D 83 0.19 -2.18 -27.44
CA ARG D 83 0.55 -0.84 -27.00
C ARG D 83 1.99 -0.67 -26.57
N ALA D 84 2.70 -1.77 -26.33
CA ALA D 84 4.09 -1.73 -25.85
C ALA D 84 5.01 -2.31 -26.92
N ARG D 85 6.00 -1.52 -27.32
CA ARG D 85 6.99 -1.94 -28.29
C ARG D 85 8.38 -1.53 -27.82
N LEU D 86 9.35 -2.41 -28.07
CA LEU D 86 10.75 -2.11 -27.86
C LEU D 86 11.37 -1.72 -29.20
N LEU D 87 12.10 -0.59 -29.21
CA LEU D 87 12.61 0.00 -30.45
C LEU D 87 14.06 -0.42 -30.66
N LYS D 88 14.28 -1.24 -31.70
CA LYS D 88 15.54 -1.98 -31.82
C LYS D 88 16.71 -1.08 -32.18
N ASP D 89 16.57 -0.27 -33.24
CA ASP D 89 17.69 0.51 -33.76
C ASP D 89 18.41 1.28 -32.67
N GLN D 90 17.70 1.63 -31.58
CA GLN D 90 18.32 2.32 -30.46
C GLN D 90 19.27 1.41 -29.68
N LEU D 91 19.08 0.08 -29.73
CA LEU D 91 19.89 -0.81 -28.89
C LEU D 91 21.38 -0.69 -29.22
N SER D 92 21.72 -0.54 -30.50
CA SER D 92 23.12 -0.49 -30.91
C SER D 92 23.81 0.79 -30.47
N LEU D 93 23.04 1.81 -30.10
CA LEU D 93 23.58 2.93 -29.34
C LEU D 93 23.41 2.73 -27.84
N GLY D 94 23.04 1.54 -27.41
CA GLY D 94 22.90 1.27 -25.98
C GLY D 94 21.67 1.92 -25.37
N ASN D 95 20.53 1.88 -26.05
CA ASN D 95 19.30 2.48 -25.56
C ASN D 95 18.19 1.44 -25.64
N ALA D 96 17.69 1.01 -24.48
CA ALA D 96 16.50 0.17 -24.39
C ALA D 96 15.34 1.11 -24.11
N ALA D 97 14.75 1.64 -25.17
CA ALA D 97 13.63 2.55 -25.07
C ALA D 97 12.34 1.74 -25.09
N LEU D 98 11.52 1.91 -24.05
CA LEU D 98 10.21 1.30 -23.99
C LEU D 98 9.18 2.32 -24.47
N GLN D 99 8.49 1.99 -25.56
CA GLN D 99 7.46 2.87 -26.11
C GLN D 99 6.08 2.34 -25.76
N ILE D 100 5.30 3.18 -25.08
CA ILE D 100 3.92 2.88 -24.72
C ILE D 100 3.05 3.89 -25.45
N THR D 101 2.04 3.40 -26.17
CA THR D 101 1.12 4.29 -26.86
C THR D 101 -0.24 4.33 -26.16
N ASP D 102 -0.93 5.46 -26.32
CA ASP D 102 -2.24 5.72 -25.72
C ASP D 102 -2.25 5.43 -24.22
N VAL D 103 -1.49 6.26 -23.49
CA VAL D 103 -1.27 6.05 -22.06
C VAL D 103 -2.59 6.06 -21.33
N LYS D 104 -2.79 5.06 -20.47
CA LYS D 104 -3.94 4.96 -19.59
C LYS D 104 -3.55 5.24 -18.14
N LEU D 105 -4.55 5.57 -17.32
CA LEU D 105 -4.27 5.77 -15.89
C LEU D 105 -3.67 4.53 -15.26
N GLN D 106 -4.15 3.34 -15.67
CA GLN D 106 -3.59 2.11 -15.12
C GLN D 106 -2.10 1.96 -15.41
N ASP D 107 -1.55 2.72 -16.35
CA ASP D 107 -0.13 2.64 -16.66
C ASP D 107 0.76 3.37 -15.68
N ALA D 108 0.17 4.13 -14.75
CA ALA D 108 0.95 4.82 -13.73
C ALA D 108 1.53 3.82 -12.74
N GLY D 109 2.77 4.08 -12.30
CA GLY D 109 3.43 3.27 -11.31
C GLY D 109 4.92 3.17 -11.59
N VAL D 110 5.53 2.16 -10.99
CA VAL D 110 6.98 1.96 -11.02
C VAL D 110 7.30 0.90 -12.07
N TYR D 111 8.15 1.27 -13.01
CA TYR D 111 8.63 0.42 -14.09
C TYR D 111 10.06 -0.01 -13.80
N ARG D 112 10.44 -1.17 -14.29
CA ARG D 112 11.80 -1.65 -14.12
C ARG D 112 12.44 -1.97 -15.47
N CYS D 113 13.65 -1.47 -15.65
CA CYS D 113 14.52 -1.71 -16.80
C CYS D 113 15.60 -2.73 -16.41
N MET D 114 15.41 -3.98 -16.80
CA MET D 114 16.30 -5.09 -16.46
C MET D 114 17.07 -5.50 -17.70
N ILE D 115 18.39 -5.40 -17.66
CA ILE D 115 19.20 -5.74 -18.82
C ILE D 115 20.41 -6.58 -18.40
N SER D 116 20.71 -7.59 -19.21
CA SER D 116 21.89 -8.43 -19.09
C SER D 116 22.68 -8.33 -20.39
N TYR D 117 23.97 -8.08 -20.27
CA TYR D 117 24.85 -7.96 -21.45
C TYR D 117 26.29 -8.03 -20.97
N GLY D 118 26.79 -9.25 -20.72
CA GLY D 118 28.11 -9.41 -20.15
C GLY D 118 28.22 -8.67 -18.84
N GLY D 119 27.25 -8.92 -17.96
CA GLY D 119 27.02 -8.10 -16.79
C GLY D 119 25.51 -7.88 -16.71
N ALA D 120 25.05 -7.49 -15.52
CA ALA D 120 23.62 -7.28 -15.38
C ALA D 120 23.33 -6.24 -14.31
N ASP D 121 22.24 -5.51 -14.54
CA ASP D 121 21.80 -4.47 -13.62
C ASP D 121 20.35 -4.16 -13.95
N TYR D 122 19.70 -3.37 -13.10
CA TYR D 122 18.39 -2.85 -13.43
C TYR D 122 18.21 -1.50 -12.78
N LYS D 123 17.28 -0.73 -13.33
CA LYS D 123 16.90 0.55 -12.73
C LYS D 123 15.39 0.69 -12.72
N ARG D 124 14.90 1.56 -11.84
CA ARG D 124 13.49 1.83 -11.73
C ARG D 124 13.14 3.20 -12.28
N ILE D 125 11.91 3.30 -12.79
CA ILE D 125 11.36 4.52 -13.35
C ILE D 125 9.93 4.67 -12.81
N THR D 126 9.59 5.87 -12.36
CA THR D 126 8.24 6.13 -11.87
C THR D 126 7.45 6.94 -12.92
N VAL D 127 6.25 6.47 -13.27
CA VAL D 127 5.38 7.16 -14.22
C VAL D 127 4.15 7.67 -13.46
N LYS D 128 3.87 8.98 -13.58
CA LYS D 128 2.63 9.58 -13.12
C LYS D 128 1.78 9.97 -14.33
N VAL D 129 0.49 9.67 -14.27
CA VAL D 129 -0.42 9.98 -15.36
C VAL D 129 -1.36 11.08 -14.90
N ASN D 130 -1.29 12.23 -15.57
CA ASN D 130 -2.26 13.30 -15.38
C ASN D 130 -3.49 13.03 -16.23
N ALA D 131 -4.67 13.42 -15.74
CA ALA D 131 -5.86 13.08 -16.49
C ALA D 131 -7.01 14.02 -16.16
N PRO D 132 -7.85 14.39 -17.13
CA PRO D 132 -9.02 15.19 -16.82
C PRO D 132 -10.08 14.41 -16.06
N TYR D 133 -10.95 15.16 -15.38
CA TYR D 133 -11.98 14.58 -14.53
C TYR D 133 -12.75 13.47 -15.22
N ALA D 134 -13.24 13.73 -16.43
CA ALA D 134 -14.11 12.76 -17.13
C ALA D 134 -13.40 11.43 -17.36
N ALA D 135 -12.10 11.48 -17.65
CA ALA D 135 -11.33 10.24 -17.76
C ALA D 135 -11.19 9.54 -16.42
N ALA D 136 -10.95 10.29 -15.34
CA ALA D 136 -10.73 9.64 -14.05
C ALA D 136 -12.02 9.07 -13.49
N LEU D 137 -13.16 9.67 -13.85
CA LEU D 137 -14.45 9.15 -13.41
C LEU D 137 -14.77 7.83 -14.11
N GLU D 138 -14.53 7.76 -15.42
CA GLU D 138 -14.68 6.49 -16.13
C GLU D 138 -13.81 5.40 -15.51
N HIS D 139 -12.62 5.77 -15.07
CA HIS D 139 -11.72 4.89 -14.34
C HIS D 139 -12.15 4.64 -12.89
N HIS D 140 -12.95 5.54 -12.32
CA HIS D 140 -13.19 5.51 -10.88
C HIS D 140 -14.07 4.33 -10.48
N HIS D 141 -15.33 4.31 -10.96
CA HIS D 141 -16.32 3.27 -10.70
C HIS D 141 -16.17 2.49 -9.37
O1 6GX E . -10.56 12.93 16.94
O2 6GX E . -7.02 10.65 23.04
C11 6GX E . -7.65 11.66 23.04
C12 6GX E . -7.29 12.77 24.04
N2 6GX E . -8.78 11.84 22.13
C10 6GX E . -9.57 13.05 22.15
C9 6GX E . -9.47 13.82 20.83
N1 6GX E . -10.78 14.24 20.39
C8 6GX E . -10.68 14.89 19.09
C7 6GX E . -11.88 14.55 18.20
C5 6GX E . -11.77 13.60 17.19
C6 6GX E . -10.69 11.82 16.11
N 6GX E . -12.82 13.30 16.40
C13 6GX E . -13.07 15.17 18.39
C14 6GX E . -14.12 14.87 17.59
C4 6GX E . -14.00 13.92 16.60
O 6GX E . -15.07 13.59 15.77
C3 6GX E . -15.20 12.24 15.40
C2 6GX E . -16.62 11.98 14.87
C15 6GX E . -17.39 13.06 14.49
C16 6GX E . -18.67 12.88 14.03
C17 6GX E . -19.19 11.60 13.93
C18 6GX E . -18.46 10.50 14.31
C1 6GX E . -17.16 10.69 14.79
C 6GX E . -16.32 9.51 15.21
C19 6GX E . -19.15 9.14 14.18
C24 6GX E . -19.51 8.63 12.92
C23 6GX E . -20.16 7.42 12.84
C22 6GX E . -20.49 6.70 13.99
C21 6GX E . -20.18 7.22 15.26
C20 6GX E . -19.52 8.45 15.33
C1 EDO F . 9.90 -11.32 21.51
O1 EDO F . 8.51 -11.53 21.59
C2 EDO F . 10.34 -10.15 22.37
O2 EDO F . 10.88 -9.10 21.60
H11 EDO F . 10.42 -12.22 21.83
H12 EDO F . 10.18 -11.13 20.48
HO1 EDO F . 8.31 -12.04 22.39
H21 EDO F . 9.47 -9.77 22.92
H22 EDO F . 11.08 -10.49 23.09
HO2 EDO F . 10.62 -8.24 21.95
O1 6GX G . 10.79 -13.84 -16.54
O2 6GX G . 10.65 -21.68 -19.42
C11 6GX G . 10.97 -20.59 -19.08
C12 6GX G . 11.65 -19.69 -20.11
N2 6GX G . 10.67 -20.21 -17.70
C10 6GX G . 10.99 -18.94 -17.06
C9 6GX G . 10.36 -17.72 -17.72
N1 6GX G . 11.49 -16.97 -18.26
C8 6GX G . 10.98 -15.69 -18.70
C7 6GX G . 12.02 -14.58 -18.48
C5 6GX G . 11.88 -13.70 -17.42
C6 6GX G . 10.83 -12.97 -15.45
N 6GX G . 12.79 -12.70 -17.23
C13 6GX G . 13.05 -14.44 -19.34
C14 6GX G . 13.95 -13.45 -19.15
C4 6GX G . 13.83 -12.58 -18.08
O 6GX G . 14.78 -11.56 -17.91
C3 6GX G . 15.03 -11.11 -16.60
C2 6GX G . 16.34 -10.33 -16.53
C15 6GX G . 16.82 -9.69 -17.67
C16 6GX G . 18.01 -8.97 -17.61
C17 6GX G . 18.71 -8.90 -16.41
C18 6GX G . 18.24 -9.53 -15.27
C1 6GX G . 17.06 -10.25 -15.34
C 6GX G . 16.48 -10.96 -14.12
C19 6GX G . 19.10 -9.37 -13.99
C24 6GX G . 19.67 -10.46 -13.33
C23 6GX G . 20.44 -10.25 -12.20
C22 6GX G . 20.68 -8.96 -11.75
C21 6GX G . 20.12 -7.89 -12.42
C20 6GX G . 19.34 -8.10 -13.54
#